data_4BUT
#
_entry.id   4BUT
#
_cell.length_a   91.500
_cell.length_b   97.950
_cell.length_c   119.190
_cell.angle_alpha   90.00
_cell.angle_beta   90.00
_cell.angle_gamma   90.00
#
_symmetry.space_group_name_H-M   'C 2 2 21'
#
loop_
_entity.id
_entity.type
_entity.pdbx_description
1 polymer TANKYRASE-2
2 non-polymer 'ZINC ION'
3 non-polymer 'SULFATE ION'
4 non-polymer 4-(4-oxidanylidene-3H-quinazolin-2-yl)benzenesulfonamide
5 non-polymer GLYCEROL
6 non-polymer DI(HYDROXYETHYL)ETHER
7 water water
#
_entity_poly.entity_id   1
_entity_poly.type   'polypeptide(L)'
_entity_poly.pdbx_seq_one_letter_code
;MHHHHHHSSGVDLGTENLYFQSMLNTSGSGTILIDLSPDDKEFQSVEEEMQSTVREHRDGGHAGGIFNRYNILKIQKVCN
KKLWERYTHRRKEVSEENHNHANERMLFHGSPFVNAIIHKGFDERHAYIGGMFGAGIYFAENSSKSNQYVYGIGGGTGCP
VHKDRSCYICHRQLLFCRVTLGKSFLQFSAMKMAHSPPGHHSVTGRPSVNGLALAEYVIYRGEQAYPEYLITYQIMRPEG
;
_entity_poly.pdbx_strand_id   A,B
#
loop_
_chem_comp.id
_chem_comp.type
_chem_comp.name
_chem_comp.formula
31F non-polymer 4-(4-oxidanylidene-3H-quinazolin-2-yl)benzenesulfonamide 'C14 H11 N3 O3 S'
GOL non-polymer GLYCEROL 'C3 H8 O3'
PEG non-polymer DI(HYDROXYETHYL)ETHER 'C4 H10 O3'
SO4 non-polymer 'SULFATE ION' 'O4 S -2'
ZN non-polymer 'ZINC ION' 'Zn 2'
#
# COMPACT_ATOMS: atom_id res chain seq x y z
N GLY A 30 -6.54 10.15 35.75
CA GLY A 30 -6.23 11.61 35.73
C GLY A 30 -6.90 12.36 34.58
N THR A 31 -7.55 11.64 33.68
CA THR A 31 -8.13 12.32 32.51
C THR A 31 -9.53 12.89 32.79
N ILE A 32 -9.74 14.12 32.35
CA ILE A 32 -11.05 14.75 32.37
C ILE A 32 -11.41 15.09 30.93
N LEU A 33 -12.68 14.88 30.54
CA LEU A 33 -13.17 15.23 29.22
C LEU A 33 -14.10 16.45 29.32
N ILE A 34 -13.73 17.54 28.65
CA ILE A 34 -14.56 18.75 28.61
C ILE A 34 -15.29 18.91 27.28
N ASP A 35 -16.62 18.92 27.35
CA ASP A 35 -17.43 19.10 26.14
C ASP A 35 -17.28 20.46 25.58
N LEU A 36 -17.03 20.55 24.28
CA LEU A 36 -17.09 21.82 23.60
C LEU A 36 -18.47 22.07 23.06
N SER A 37 -18.88 23.34 23.15
CA SER A 37 -20.16 23.71 22.60
C SER A 37 -20.03 23.87 21.09
N PRO A 38 -21.04 23.45 20.32
CA PRO A 38 -21.03 23.72 18.88
C PRO A 38 -20.85 25.19 18.48
N ASP A 39 -21.13 26.09 19.40
CA ASP A 39 -20.95 27.52 19.24
C ASP A 39 -19.52 27.99 19.43
N ASP A 40 -18.66 27.16 19.99
CA ASP A 40 -17.29 27.52 20.33
C ASP A 40 -16.47 27.45 19.05
N LYS A 41 -15.68 28.49 18.81
CA LYS A 41 -14.81 28.57 17.64
C LYS A 41 -13.90 27.35 17.57
N GLU A 42 -13.55 26.80 18.73
CA GLU A 42 -12.65 25.67 18.82
C GLU A 42 -13.36 24.40 18.31
N PHE A 43 -14.63 24.25 18.64
CA PHE A 43 -15.46 23.15 18.09
C PHE A 43 -15.50 23.32 16.58
N GLN A 44 -15.78 24.54 16.14
CA GLN A 44 -15.96 24.77 14.71
C GLN A 44 -14.69 24.52 13.87
N SER A 45 -13.52 24.88 14.41
CA SER A 45 -12.26 24.68 13.66
C SER A 45 -11.84 23.18 13.61
N VAL A 46 -12.10 22.45 14.69
CA VAL A 46 -11.89 21.00 14.71
C VAL A 46 -12.85 20.28 13.77
N GLU A 47 -14.15 20.65 13.77
CA GLU A 47 -15.09 20.04 12.85
C GLU A 47 -14.65 20.28 11.42
N GLU A 48 -14.22 21.50 11.12
CA GLU A 48 -13.85 21.83 9.75
C GLU A 48 -12.65 20.99 9.26
N GLU A 49 -11.68 20.76 10.14
CA GLU A 49 -10.55 19.94 9.76
C GLU A 49 -11.00 18.50 9.53
N MET A 50 -11.89 18.01 10.40
CA MET A 50 -12.48 16.69 10.18
C MET A 50 -13.19 16.53 8.81
N GLN A 51 -14.09 17.45 8.50
CA GLN A 51 -14.93 17.35 7.30
C GLN A 51 -14.12 17.63 6.04
N SER A 52 -13.23 18.61 6.09
CA SER A 52 -12.56 19.07 4.88
C SER A 52 -11.44 18.10 4.45
N THR A 53 -11.06 17.16 5.29
CA THR A 53 -9.97 16.20 4.95
C THR A 53 -10.49 14.82 4.63
N VAL A 54 -11.78 14.71 4.36
CA VAL A 54 -12.34 13.47 3.84
C VAL A 54 -11.90 13.34 2.37
N ARG A 55 -11.48 12.15 1.96
CA ARG A 55 -11.21 11.87 0.52
C ARG A 55 -11.78 10.51 0.20
N GLU A 56 -11.83 10.16 -1.09
CA GLU A 56 -12.09 8.78 -1.51
C GLU A 56 -10.83 7.90 -1.31
N HIS A 57 -11.07 6.64 -0.98
CA HIS A 57 -10.04 5.63 -0.72
C HIS A 57 -10.01 4.57 -1.80
N ARG A 58 -8.82 4.04 -2.04
CA ARG A 58 -8.57 3.08 -3.14
C ARG A 58 -9.30 1.75 -2.95
N ASP A 59 -9.77 1.45 -1.73
CA ASP A 59 -10.59 0.26 -1.47
C ASP A 59 -12.09 0.44 -1.73
N GLY A 60 -12.48 1.56 -2.35
CA GLY A 60 -13.86 1.89 -2.63
C GLY A 60 -14.78 1.91 -1.41
N GLY A 61 -14.19 2.10 -0.23
CA GLY A 61 -14.93 2.09 1.03
C GLY A 61 -14.87 0.83 1.86
N HIS A 62 -14.14 -0.19 1.40
CA HIS A 62 -14.14 -1.46 2.08
C HIS A 62 -13.80 -1.38 3.58
N ALA A 63 -12.72 -0.66 3.91
CA ALA A 63 -12.24 -0.57 5.29
C ALA A 63 -13.08 0.34 6.15
N GLY A 64 -13.34 1.55 5.67
CA GLY A 64 -13.94 2.60 6.48
C GLY A 64 -15.37 2.96 6.17
N GLY A 65 -15.92 2.44 5.07
CA GLY A 65 -17.30 2.71 4.68
C GLY A 65 -17.38 3.72 3.56
N ILE A 66 -18.58 3.87 3.02
CA ILE A 66 -18.80 4.80 1.90
C ILE A 66 -19.45 6.05 2.44
N PHE A 67 -18.78 7.19 2.28
CA PHE A 67 -19.25 8.49 2.78
C PHE A 67 -18.41 9.63 2.21
N ASN A 68 -18.99 10.82 2.10
CA ASN A 68 -18.27 12.02 1.74
C ASN A 68 -18.12 12.99 2.87
N ARG A 69 -18.80 12.70 3.99
CA ARG A 69 -18.81 13.60 5.11
C ARG A 69 -19.36 12.92 6.35
N TYR A 70 -19.19 13.59 7.48
CA TYR A 70 -19.64 13.06 8.76
C TYR A 70 -20.77 13.84 9.40
N ASN A 71 -21.50 13.15 10.28
CA ASN A 71 -22.35 13.79 11.30
C ASN A 71 -21.57 13.86 12.63
N ILE A 72 -21.08 15.05 12.98
CA ILE A 72 -20.35 15.24 14.23
C ILE A 72 -21.36 15.32 15.37
N LEU A 73 -21.19 14.42 16.32
CA LEU A 73 -22.07 14.30 17.47
C LEU A 73 -21.50 15.02 18.71
N LYS A 74 -20.19 14.96 18.92
CA LYS A 74 -19.59 15.53 20.09
C LYS A 74 -18.11 15.78 19.83
N ILE A 75 -17.59 16.88 20.37
CA ILE A 75 -16.16 17.10 20.43
C ILE A 75 -15.80 17.43 21.87
N GLN A 76 -14.89 16.65 22.45
CA GLN A 76 -14.41 16.87 23.81
C GLN A 76 -12.91 17.17 23.83
N LYS A 77 -12.49 18.07 24.71
CA LYS A 77 -11.07 18.32 24.99
C LYS A 77 -10.59 17.33 26.05
N VAL A 78 -9.45 16.71 25.78
CA VAL A 78 -8.90 15.70 26.64
C VAL A 78 -7.88 16.39 27.53
N CYS A 79 -8.10 16.33 28.83
CA CYS A 79 -7.28 17.09 29.80
C CYS A 79 -6.67 16.11 30.77
N ASN A 80 -5.34 15.94 30.65
CA ASN A 80 -4.59 15.12 31.59
C ASN A 80 -3.23 15.77 31.80
N LYS A 81 -3.00 16.26 33.01
CA LYS A 81 -1.78 16.99 33.36
C LYS A 81 -0.52 16.18 33.13
N LYS A 82 -0.49 14.98 33.68
CA LYS A 82 0.64 14.09 33.53
C LYS A 82 0.97 13.78 32.06
N LEU A 83 -0.05 13.43 31.29
CA LEU A 83 0.15 13.12 29.89
C LEU A 83 0.65 14.35 29.11
N TRP A 84 0.12 15.54 29.45
CA TRP A 84 0.54 16.78 28.80
C TRP A 84 2.00 17.10 29.09
N GLU A 85 2.40 16.96 30.33
CA GLU A 85 3.77 17.24 30.72
C GLU A 85 4.75 16.23 30.11
N ARG A 86 4.33 14.97 30.02
CA ARG A 86 5.08 13.95 29.30
C ARG A 86 5.33 14.38 27.84
N TYR A 87 4.28 14.84 27.18
CA TYR A 87 4.39 15.37 25.80
C TYR A 87 5.32 16.58 25.70
N THR A 88 5.09 17.60 26.53
CA THR A 88 5.89 18.84 26.42
C THR A 88 7.37 18.60 26.75
N HIS A 89 7.65 17.67 27.67
CA HIS A 89 9.01 17.28 27.98
C HIS A 89 9.72 16.72 26.77
N ARG A 90 9.07 15.81 26.06
CA ARG A 90 9.67 15.19 24.87
C ARG A 90 9.76 16.24 23.73
N ARG A 91 8.76 17.10 23.64
CA ARG A 91 8.72 18.12 22.63
C ARG A 91 9.95 19.04 22.72
N LYS A 92 10.33 19.42 23.95
CA LYS A 92 11.51 20.26 24.17
C LYS A 92 12.78 19.48 23.80
N GLU A 93 12.84 18.21 24.13
CA GLU A 93 14.03 17.42 23.77
C GLU A 93 14.21 17.40 22.23
N VAL A 94 13.12 17.12 21.51
CA VAL A 94 13.14 17.13 20.05
C VAL A 94 13.52 18.50 19.49
N SER A 95 12.87 19.55 19.97
CA SER A 95 13.12 20.92 19.55
C SER A 95 14.62 21.25 19.67
N GLU A 96 15.19 20.91 20.82
CA GLU A 96 16.59 21.20 21.07
C GLU A 96 17.53 20.41 20.16
N GLU A 97 17.09 19.25 19.68
CA GLU A 97 17.84 18.46 18.67
C GLU A 97 17.59 18.92 17.22
N ASN A 98 16.76 19.95 17.03
CA ASN A 98 16.33 20.31 15.65
C ASN A 98 16.15 21.81 15.55
N HIS A 99 17.23 22.54 15.84
CA HIS A 99 17.26 24.02 15.80
C HIS A 99 16.02 24.70 16.33
N ASN A 100 15.62 24.26 17.52
CA ASN A 100 14.46 24.82 18.22
C ASN A 100 13.15 24.73 17.43
N HIS A 101 12.95 23.61 16.75
CA HIS A 101 11.77 23.40 15.91
C HIS A 101 11.22 22.04 16.17
N ALA A 102 10.13 21.99 16.94
CA ALA A 102 9.40 20.75 17.22
C ALA A 102 8.72 20.18 15.99
N ASN A 103 8.40 21.01 15.01
CA ASN A 103 7.69 20.60 13.81
C ASN A 103 6.42 19.89 14.25
N GLU A 104 5.61 20.64 15.00
CA GLU A 104 4.41 20.14 15.58
C GLU A 104 3.20 20.27 14.64
N ARG A 105 2.44 19.17 14.51
CA ARG A 105 1.27 19.13 13.62
C ARG A 105 0.05 18.67 14.44
N MET A 106 -1.14 18.97 13.94
CA MET A 106 -2.40 18.37 14.41
C MET A 106 -2.84 17.35 13.40
N LEU A 107 -2.91 16.10 13.85
CA LEU A 107 -3.15 14.95 12.98
C LEU A 107 -4.22 14.02 13.56
N PHE A 108 -4.86 13.24 12.70
CA PHE A 108 -5.91 12.33 13.13
C PHE A 108 -5.31 10.98 13.49
N HIS A 109 -5.97 10.31 14.43
CA HIS A 109 -5.64 8.94 14.81
C HIS A 109 -6.91 8.17 15.09
N GLY A 110 -7.05 7.02 14.44
CA GLY A 110 -8.16 6.08 14.68
C GLY A 110 -7.59 4.79 15.21
N SER A 111 -8.26 4.21 16.19
CA SER A 111 -7.77 2.99 16.85
C SER A 111 -8.86 2.29 17.66
N PRO A 112 -8.85 0.96 17.65
CA PRO A 112 -9.70 0.27 18.62
C PRO A 112 -9.33 0.61 20.08
N PHE A 113 -8.15 1.16 20.33
CA PHE A 113 -7.71 1.50 21.71
C PHE A 113 -7.94 2.97 22.16
N VAL A 114 -8.80 3.69 21.44
CA VAL A 114 -9.02 5.12 21.71
C VAL A 114 -9.29 5.40 23.22
N ASN A 115 -10.12 4.57 23.84
CA ASN A 115 -10.42 4.77 25.27
CA ASN A 115 -10.42 4.71 25.27
C ASN A 115 -9.21 4.56 26.17
N ALA A 116 -8.35 3.59 25.86
CA ALA A 116 -7.09 3.45 26.59
C ALA A 116 -6.13 4.66 26.35
N ILE A 117 -6.09 5.13 25.13
CA ILE A 117 -5.19 6.24 24.80
C ILE A 117 -5.54 7.48 25.59
N ILE A 118 -6.81 7.83 25.66
CA ILE A 118 -7.17 9.06 26.35
C ILE A 118 -6.92 9.01 27.88
N HIS A 119 -6.91 7.82 28.45
CA HIS A 119 -6.60 7.63 29.88
C HIS A 119 -5.17 7.38 30.22
N LYS A 120 -4.44 6.64 29.38
CA LYS A 120 -3.07 6.20 29.71
C LYS A 120 -1.97 6.76 28.78
N GLY A 121 -2.35 7.41 27.69
CA GLY A 121 -1.40 7.99 26.73
C GLY A 121 -1.12 6.98 25.63
N PHE A 122 -0.39 7.39 24.60
CA PHE A 122 0.06 6.46 23.57
C PHE A 122 1.23 5.65 24.09
N ASP A 123 1.24 4.36 23.80
CA ASP A 123 2.40 3.55 24.07
C ASP A 123 2.56 2.44 23.03
N GLU A 124 3.66 1.72 23.18
CA GLU A 124 4.04 0.58 22.33
C GLU A 124 2.88 -0.33 21.91
N ARG A 125 1.84 -0.44 22.72
CA ARG A 125 0.62 -1.22 22.40
C ARG A 125 -0.37 -0.56 21.43
N HIS A 126 -0.15 0.71 21.16
CA HIS A 126 -0.95 1.44 20.18
C HIS A 126 -0.27 1.48 18.80
N ALA A 127 0.83 0.71 18.66
CA ALA A 127 1.67 0.72 17.45
C ALA A 127 1.05 -0.17 16.40
N TYR A 128 1.20 0.19 15.14
CA TYR A 128 0.76 -0.67 14.05
C TYR A 128 1.98 -1.52 13.64
N ILE A 129 2.03 -2.77 14.14
CA ILE A 129 3.22 -3.61 13.97
C ILE A 129 3.46 -3.81 12.47
N GLY A 130 2.41 -4.10 11.73
CA GLY A 130 2.54 -4.31 10.30
C GLY A 130 2.50 -3.10 9.38
N GLY A 131 2.71 -1.90 9.91
CA GLY A 131 2.62 -0.71 9.10
C GLY A 131 3.75 -0.61 8.09
N MET A 132 3.52 0.14 7.02
CA MET A 132 4.50 0.14 5.91
C MET A 132 5.77 0.89 6.19
N PHE A 133 5.78 1.63 7.28
CA PHE A 133 6.99 2.30 7.74
C PHE A 133 7.48 1.72 9.05
N GLY A 134 7.15 0.46 9.30
CA GLY A 134 7.60 -0.25 10.49
C GLY A 134 6.67 -0.07 11.69
N ALA A 135 7.03 -0.76 12.78
CA ALA A 135 6.22 -0.79 13.98
C ALA A 135 6.31 0.57 14.67
N GLY A 136 5.29 1.39 14.45
CA GLY A 136 5.20 2.69 15.09
C GLY A 136 3.74 3.10 15.26
N ILE A 137 3.54 4.31 15.72
CA ILE A 137 2.22 4.86 15.93
C ILE A 137 1.96 5.79 14.76
N TYR A 138 0.89 5.51 14.03
CA TYR A 138 0.58 6.14 12.74
C TYR A 138 -0.50 7.23 12.91
N PHE A 139 -0.33 8.32 12.18
CA PHE A 139 -1.26 9.46 12.13
C PHE A 139 -1.51 9.87 10.69
N ALA A 140 -2.66 10.46 10.44
CA ALA A 140 -3.05 10.91 9.08
C ALA A 140 -3.50 12.37 9.04
N GLU A 141 -3.17 13.06 7.94
CA GLU A 141 -3.81 14.34 7.56
C GLU A 141 -5.27 14.15 7.13
N ASN A 142 -5.57 13.07 6.41
CA ASN A 142 -6.94 12.78 6.04
C ASN A 142 -7.68 12.10 7.18
N SER A 143 -8.72 12.76 7.72
CA SER A 143 -9.56 12.11 8.71
C SER A 143 -10.11 10.76 8.24
N SER A 144 -10.46 10.67 6.96
CA SER A 144 -11.01 9.43 6.40
C SER A 144 -10.02 8.27 6.41
N LYS A 145 -8.72 8.56 6.38
CA LYS A 145 -7.68 7.53 6.48
C LYS A 145 -7.73 6.95 7.92
N SER A 146 -7.69 7.79 8.95
CA SER A 146 -7.79 7.30 10.33
C SER A 146 -9.13 6.56 10.61
N ASN A 147 -10.19 7.01 9.96
CA ASN A 147 -11.50 6.34 10.06
C ASN A 147 -11.46 4.86 9.65
N GLN A 148 -10.55 4.49 8.74
CA GLN A 148 -10.35 3.09 8.35
C GLN A 148 -9.86 2.19 9.48
N TYR A 149 -9.39 2.76 10.59
CA TYR A 149 -8.85 2.00 11.69
C TYR A 149 -9.67 1.99 12.97
N VAL A 150 -10.78 2.74 12.98
CA VAL A 150 -11.64 2.82 14.19
C VAL A 150 -12.04 1.42 14.68
N TYR A 151 -12.34 0.52 13.74
CA TYR A 151 -12.72 -0.85 14.06
C TYR A 151 -11.60 -1.90 13.87
N GLY A 152 -10.36 -1.43 13.75
CA GLY A 152 -9.19 -2.28 13.66
C GLY A 152 -8.55 -2.16 12.29
N ILE A 153 -7.45 -2.87 12.09
CA ILE A 153 -6.72 -2.86 10.81
C ILE A 153 -7.67 -3.30 9.71
N GLY A 154 -7.72 -2.56 8.60
CA GLY A 154 -8.61 -2.87 7.50
C GLY A 154 -10.09 -2.76 7.86
N GLY A 155 -10.40 -2.08 8.95
CA GLY A 155 -11.77 -1.97 9.43
C GLY A 155 -12.27 -3.18 10.22
N GLY A 156 -11.39 -4.15 10.44
CA GLY A 156 -11.68 -5.36 11.21
C GLY A 156 -12.92 -5.98 10.66
N THR A 157 -13.85 -6.31 11.55
CA THR A 157 -15.15 -6.85 11.13
C THR A 157 -16.24 -5.82 11.26
N GLY A 158 -15.87 -4.54 11.29
CA GLY A 158 -16.84 -3.47 11.31
C GLY A 158 -17.37 -3.21 12.70
N CYS A 159 -18.52 -2.56 12.79
CA CYS A 159 -19.04 -2.14 14.09
C CYS A 159 -19.34 -3.38 14.94
N PRO A 160 -19.24 -3.27 16.28
CA PRO A 160 -19.56 -4.45 17.09
C PRO A 160 -21.03 -4.89 17.01
N VAL A 161 -21.95 -3.96 16.84
CA VAL A 161 -23.38 -4.27 16.89
C VAL A 161 -23.90 -4.94 15.61
N HIS A 162 -23.57 -4.36 14.45
CA HIS A 162 -24.03 -4.86 13.16
C HIS A 162 -23.00 -5.58 12.31
N LYS A 163 -21.74 -5.62 12.71
CA LYS A 163 -20.64 -6.18 11.90
C LYS A 163 -20.52 -5.55 10.51
N ASP A 164 -20.63 -4.23 10.47
CA ASP A 164 -20.70 -3.50 9.21
C ASP A 164 -19.60 -2.43 9.24
N ARG A 165 -18.63 -2.54 8.34
CA ARG A 165 -17.56 -1.53 8.24
C ARG A 165 -18.08 -0.20 7.71
N SER A 166 -19.24 -0.22 7.06
CA SER A 166 -19.87 0.98 6.59
C SER A 166 -21.12 1.35 7.40
N CYS A 167 -21.15 1.02 8.68
CA CYS A 167 -22.35 1.27 9.49
C CYS A 167 -22.61 2.76 9.58
N TYR A 168 -23.84 3.17 9.27
CA TYR A 168 -24.23 4.58 9.37
C TYR A 168 -24.95 4.89 10.68
N ILE A 169 -25.16 3.88 11.50
CA ILE A 169 -25.91 4.03 12.77
C ILE A 169 -24.96 4.17 13.96
N CYS A 170 -23.98 3.29 14.05
CA CYS A 170 -23.16 3.21 15.26
C CYS A 170 -22.22 4.41 15.38
N HIS A 171 -21.99 4.84 16.63
CA HIS A 171 -21.13 5.98 16.96
C HIS A 171 -19.69 5.56 16.92
N ARG A 172 -18.88 6.34 16.20
CA ARG A 172 -17.46 6.14 16.07
C ARG A 172 -16.71 7.24 16.79
N GLN A 173 -15.47 6.96 17.17
CA GLN A 173 -14.61 7.98 17.74
C GLN A 173 -13.24 8.06 17.05
N LEU A 174 -12.74 9.27 16.85
CA LEU A 174 -11.36 9.53 16.38
C LEU A 174 -10.72 10.50 17.33
N LEU A 175 -9.39 10.51 17.33
CA LEU A 175 -8.62 11.53 18.06
C LEU A 175 -8.03 12.50 17.08
N PHE A 176 -8.01 13.79 17.44
CA PHE A 176 -7.29 14.82 16.71
C PHE A 176 -6.17 15.21 17.67
N CYS A 177 -4.92 14.93 17.26
CA CYS A 177 -3.80 14.88 18.16
C CYS A 177 -2.71 15.88 17.84
N ARG A 178 -2.03 16.32 18.88
CA ARG A 178 -0.84 17.17 18.73
C ARG A 178 0.35 16.23 18.65
N VAL A 179 1.07 16.30 17.53
CA VAL A 179 2.16 15.35 17.24
C VAL A 179 3.46 16.09 16.94
N THR A 180 4.56 15.68 17.58
CA THR A 180 5.86 16.26 17.39
C THR A 180 6.58 15.41 16.36
N LEU A 181 6.91 15.99 15.21
CA LEU A 181 7.59 15.22 14.14
C LEU A 181 9.09 15.42 14.14
N GLY A 182 9.54 16.57 14.64
CA GLY A 182 10.93 16.92 14.64
C GLY A 182 11.47 16.81 13.20
N LYS A 183 12.67 16.26 13.08
CA LYS A 183 13.28 15.99 11.78
C LYS A 183 12.71 14.69 11.24
N SER A 184 11.94 14.78 10.15
CA SER A 184 11.14 13.64 9.70
C SER A 184 11.76 13.06 8.46
N PHE A 185 11.95 11.76 8.46
CA PHE A 185 12.47 11.03 7.30
C PHE A 185 11.39 10.92 6.21
N LEU A 186 11.69 11.42 5.01
CA LEU A 186 10.71 11.50 3.93
CA LEU A 186 10.74 11.50 3.90
C LEU A 186 10.77 10.23 3.08
N GLN A 187 9.65 9.52 3.02
CA GLN A 187 9.53 8.30 2.25
C GLN A 187 8.52 8.56 1.16
N PHE A 188 8.95 8.45 -0.10
CA PHE A 188 8.06 8.63 -1.25
C PHE A 188 7.42 7.29 -1.55
N SER A 189 6.12 7.11 -1.34
CA SER A 189 5.57 5.76 -1.45
C SER A 189 4.20 5.71 -2.10
N ALA A 190 3.86 4.53 -2.60
CA ALA A 190 2.53 4.27 -3.19
C ALA A 190 1.52 3.97 -2.06
N MET A 193 8.10 -1.80 19.42
CA MET A 193 8.16 -0.61 18.57
C MET A 193 9.56 -0.44 17.94
N ALA A 194 9.61 -0.10 16.64
CA ALA A 194 10.86 0.16 15.93
C ALA A 194 11.49 1.48 16.40
N HIS A 195 12.66 1.80 15.85
CA HIS A 195 13.28 3.08 16.11
C HIS A 195 13.13 3.97 14.92
N SER A 196 13.17 5.29 15.16
CA SER A 196 13.25 6.26 14.08
C SER A 196 14.49 5.97 13.28
N PRO A 197 14.47 6.28 11.97
CA PRO A 197 15.73 6.23 11.25
C PRO A 197 16.78 7.11 11.95
N PRO A 198 18.05 6.64 12.01
CA PRO A 198 19.09 7.46 12.64
C PRO A 198 19.10 8.90 12.16
N GLY A 199 19.24 9.81 13.11
CA GLY A 199 19.23 11.23 12.82
C GLY A 199 17.84 11.82 12.60
N HIS A 200 16.77 11.04 12.84
CA HIS A 200 15.38 11.49 12.64
C HIS A 200 14.49 11.22 13.85
N HIS A 201 13.38 11.95 13.97
CA HIS A 201 12.40 11.81 15.06
C HIS A 201 11.08 11.22 14.65
N SER A 202 10.89 11.02 13.34
CA SER A 202 9.66 10.50 12.77
C SER A 202 9.89 10.11 11.30
N VAL A 203 8.85 9.51 10.70
CA VAL A 203 8.84 9.23 9.27
C VAL A 203 7.59 9.86 8.66
N THR A 204 7.75 10.41 7.47
CA THR A 204 6.65 10.95 6.69
C THR A 204 6.43 10.07 5.47
N GLY A 205 5.20 9.62 5.30
CA GLY A 205 4.85 8.79 4.16
C GLY A 205 4.23 9.76 3.16
N ARG A 206 5.00 10.14 2.13
CA ARG A 206 4.48 11.03 1.10
CA ARG A 206 4.51 11.04 1.08
C ARG A 206 3.73 10.27 0.00
N PRO A 207 2.46 10.59 -0.21
CA PRO A 207 1.78 9.90 -1.32
C PRO A 207 2.47 10.11 -2.70
N SER A 208 2.76 9.02 -3.44
CA SER A 208 3.46 9.04 -4.76
C SER A 208 2.67 8.49 -5.99
N VAL A 209 1.39 8.18 -5.81
CA VAL A 209 0.54 7.62 -6.89
C VAL A 209 -0.79 8.37 -6.91
N ASN A 210 -1.51 8.28 -5.78
CA ASN A 210 -2.82 8.94 -5.61
C ASN A 210 -2.60 10.42 -5.38
N GLY A 211 -2.88 11.17 -6.44
CA GLY A 211 -2.77 12.61 -6.40
C GLY A 211 -3.57 13.28 -5.34
N LEU A 212 -4.66 12.67 -4.84
CA LEU A 212 -5.49 13.40 -3.88
C LEU A 212 -5.15 13.07 -2.40
N ALA A 213 -4.31 12.07 -2.18
CA ALA A 213 -3.99 11.62 -0.82
C ALA A 213 -3.12 12.63 -0.09
N LEU A 214 -3.44 12.88 1.18
CA LEU A 214 -2.57 13.65 2.04
C LEU A 214 -1.55 12.73 2.74
N ALA A 215 -0.57 13.35 3.38
CA ALA A 215 0.52 12.64 4.04
C ALA A 215 0.03 11.84 5.28
N GLU A 216 0.79 10.82 5.60
CA GLU A 216 0.67 10.04 6.82
C GLU A 216 2.03 10.06 7.51
N TYR A 217 2.03 9.90 8.83
CA TYR A 217 3.22 10.13 9.63
C TYR A 217 3.34 9.03 10.65
N VAL A 218 4.57 8.70 11.04
CA VAL A 218 4.82 7.70 12.05
C VAL A 218 5.80 8.20 13.07
N ILE A 219 5.48 8.00 14.36
CA ILE A 219 6.39 8.29 15.48
C ILE A 219 6.66 6.97 16.21
N TYR A 220 7.78 6.91 16.90
CA TYR A 220 8.23 5.65 17.48
C TYR A 220 8.37 5.79 19.01
N ARG A 221 7.85 6.90 19.53
CA ARG A 221 7.85 7.20 20.97
CA ARG A 221 7.83 7.17 20.96
C ARG A 221 6.46 7.71 21.30
N GLY A 222 5.78 7.05 22.23
CA GLY A 222 4.40 7.42 22.63
C GLY A 222 4.31 8.84 23.16
N GLU A 223 5.42 9.32 23.75
CA GLU A 223 5.49 10.64 24.32
C GLU A 223 5.49 11.75 23.29
N GLN A 224 5.57 11.41 22.00
CA GLN A 224 5.60 12.42 20.96
C GLN A 224 4.21 12.75 20.39
N ALA A 225 3.14 12.36 21.06
CA ALA A 225 1.81 12.70 20.64
C ALA A 225 0.96 12.90 21.91
N TYR A 226 0.02 13.82 21.85
CA TYR A 226 -0.94 14.09 22.91
C TYR A 226 -2.35 14.05 22.28
N PRO A 227 -3.26 13.24 22.84
CA PRO A 227 -4.60 13.09 22.25
C PRO A 227 -5.48 14.26 22.67
N GLU A 228 -5.41 15.38 21.95
CA GLU A 228 -6.07 16.64 22.35
CA GLU A 228 -6.06 16.60 22.43
C GLU A 228 -7.59 16.65 22.30
N TYR A 229 -8.14 16.13 21.21
CA TYR A 229 -9.58 16.10 21.05
C TYR A 229 -10.10 14.70 20.75
N LEU A 230 -11.21 14.37 21.42
CA LEU A 230 -11.98 13.15 21.19
C LEU A 230 -13.22 13.54 20.40
N ILE A 231 -13.32 13.04 19.19
CA ILE A 231 -14.43 13.39 18.30
C ILE A 231 -15.31 12.16 18.14
N THR A 232 -16.59 12.33 18.48
CA THR A 232 -17.61 11.31 18.33
C THR A 232 -18.50 11.64 17.10
N TYR A 233 -18.72 10.66 16.24
CA TYR A 233 -19.34 10.94 14.94
C TYR A 233 -19.95 9.72 14.33
N GLN A 234 -20.78 9.95 13.33
CA GLN A 234 -21.20 8.92 12.41
C GLN A 234 -20.73 9.30 11.00
N ILE A 235 -20.42 8.29 10.17
CA ILE A 235 -20.28 8.54 8.73
C ILE A 235 -21.70 8.70 8.14
N MET A 236 -21.85 9.53 7.10
CA MET A 236 -23.15 9.74 6.48
C MET A 236 -23.27 9.06 5.11
N ARG A 237 -24.39 8.40 4.87
CA ARG A 237 -24.66 7.75 3.59
C ARG A 237 -24.78 8.81 2.52
N PRO A 238 -24.04 8.69 1.41
CA PRO A 238 -24.25 9.69 0.37
C PRO A 238 -25.68 9.66 -0.16
N GLU A 239 -26.19 10.80 -0.60
CA GLU A 239 -27.53 10.84 -1.21
C GLU A 239 -27.55 10.16 -2.56
N GLY B 30 -12.92 1.85 -12.50
CA GLY B 30 -13.72 0.81 -11.82
C GLY B 30 -12.89 -0.11 -10.93
N THR B 31 -11.60 0.19 -10.75
CA THR B 31 -10.75 -0.71 -9.95
C THR B 31 -10.82 -0.35 -8.48
N ILE B 32 -11.02 -1.36 -7.64
CA ILE B 32 -10.79 -1.22 -6.22
C ILE B 32 -9.69 -2.19 -5.76
N LEU B 33 -8.92 -1.73 -4.77
CA LEU B 33 -7.84 -2.52 -4.18
C LEU B 33 -8.19 -2.92 -2.76
N ILE B 34 -8.18 -4.21 -2.49
CA ILE B 34 -8.48 -4.75 -1.19
C ILE B 34 -7.23 -5.27 -0.55
N ASP B 35 -6.86 -4.69 0.60
CA ASP B 35 -5.69 -5.14 1.35
C ASP B 35 -5.87 -6.52 1.90
N LEU B 36 -4.83 -7.35 1.76
CA LEU B 36 -4.84 -8.66 2.39
C LEU B 36 -4.10 -8.59 3.69
N SER B 37 -4.60 -9.30 4.70
CA SER B 37 -3.92 -9.35 6.01
C SER B 37 -2.73 -10.27 5.95
N PRO B 38 -1.60 -9.90 6.56
CA PRO B 38 -0.48 -10.81 6.66
C PRO B 38 -0.80 -12.13 7.36
N ASP B 39 -1.85 -12.14 8.17
CA ASP B 39 -2.30 -13.37 8.87
C ASP B 39 -3.13 -14.30 7.99
N ASP B 40 -3.52 -13.82 6.81
CA ASP B 40 -4.30 -14.55 5.81
C ASP B 40 -3.40 -15.49 5.01
N LYS B 41 -3.85 -16.72 4.82
CA LYS B 41 -3.09 -17.68 4.01
C LYS B 41 -2.84 -17.21 2.56
N GLU B 42 -3.78 -16.44 2.02
CA GLU B 42 -3.59 -15.90 0.66
C GLU B 42 -2.39 -14.95 0.56
N PHE B 43 -2.30 -13.98 1.48
CA PHE B 43 -1.12 -13.14 1.63
C PHE B 43 0.14 -14.01 1.72
N GLN B 44 0.10 -15.00 2.61
CA GLN B 44 1.28 -15.81 2.88
C GLN B 44 1.74 -16.62 1.66
N SER B 45 0.79 -17.08 0.87
CA SER B 45 1.08 -17.82 -0.35
C SER B 45 1.74 -16.92 -1.41
N VAL B 46 1.19 -15.72 -1.58
CA VAL B 46 1.77 -14.77 -2.53
C VAL B 46 3.18 -14.34 -2.07
N GLU B 47 3.35 -13.99 -0.80
CA GLU B 47 4.69 -13.72 -0.32
C GLU B 47 5.65 -14.90 -0.59
N GLU B 48 5.22 -16.13 -0.30
CA GLU B 48 6.14 -17.27 -0.54
C GLU B 48 6.48 -17.43 -2.03
N GLU B 49 5.50 -17.25 -2.91
CA GLU B 49 5.80 -17.28 -4.33
C GLU B 49 6.81 -16.17 -4.72
N MET B 50 6.67 -14.98 -4.16
CA MET B 50 7.69 -13.90 -4.34
C MET B 50 9.08 -14.31 -3.86
N GLN B 51 9.17 -14.67 -2.59
CA GLN B 51 10.46 -14.95 -1.95
C GLN B 51 11.15 -16.18 -2.52
N SER B 52 10.38 -17.23 -2.81
CA SER B 52 10.96 -18.50 -3.27
C SER B 52 11.43 -18.49 -4.72
N THR B 53 11.05 -17.47 -5.49
CA THR B 53 11.48 -17.39 -6.89
C THR B 53 12.51 -16.31 -7.17
N VAL B 54 13.16 -15.81 -6.12
CA VAL B 54 14.32 -14.96 -6.29
C VAL B 54 15.49 -15.83 -6.77
N ARG B 55 16.21 -15.37 -7.77
CA ARG B 55 17.46 -16.00 -8.18
C ARG B 55 18.54 -14.93 -8.40
N GLU B 56 19.78 -15.40 -8.61
CA GLU B 56 20.86 -14.52 -9.07
C GLU B 56 20.72 -14.27 -10.54
N HIS B 57 21.15 -13.09 -10.97
CA HIS B 57 21.05 -12.66 -12.34
C HIS B 57 22.43 -12.45 -12.89
N ARG B 58 22.59 -12.71 -14.19
CA ARG B 58 23.89 -12.66 -14.87
C ARG B 58 24.51 -11.27 -14.93
N ASP B 59 23.70 -10.22 -14.72
CA ASP B 59 24.20 -8.86 -14.67
C ASP B 59 24.74 -8.45 -13.30
N GLY B 60 24.82 -9.39 -12.37
CA GLY B 60 25.37 -9.13 -11.04
C GLY B 60 24.52 -8.18 -10.21
N GLY B 61 23.27 -7.95 -10.59
CA GLY B 61 22.44 -6.96 -9.91
C GLY B 61 22.26 -5.62 -10.60
N HIS B 62 22.91 -5.43 -11.75
CA HIS B 62 22.88 -4.15 -12.46
C HIS B 62 21.50 -3.59 -12.65
N ALA B 63 20.61 -4.38 -13.22
CA ALA B 63 19.27 -3.91 -13.54
C ALA B 63 18.32 -3.82 -12.34
N GLY B 64 18.27 -4.89 -11.56
CA GLY B 64 17.33 -5.02 -10.43
C GLY B 64 17.83 -4.73 -9.03
N GLY B 65 19.15 -4.67 -8.87
CA GLY B 65 19.75 -4.52 -7.55
C GLY B 65 20.32 -5.79 -6.96
N ILE B 66 21.03 -5.65 -5.85
CA ILE B 66 21.65 -6.78 -5.16
C ILE B 66 20.79 -7.19 -3.97
N PHE B 67 20.24 -8.41 -4.02
CA PHE B 67 19.38 -8.92 -2.95
C PHE B 67 19.13 -10.42 -3.07
N ASN B 68 18.79 -11.06 -1.95
CA ASN B 68 18.40 -12.47 -1.92
C ASN B 68 16.92 -12.66 -1.51
N ARG B 69 16.31 -11.59 -1.03
CA ARG B 69 14.95 -11.61 -0.53
C ARG B 69 14.39 -10.20 -0.45
N TYR B 70 13.07 -10.14 -0.24
CA TYR B 70 12.30 -8.93 -0.18
C TYR B 70 11.77 -8.70 1.23
N ASN B 71 11.50 -7.43 1.49
CA ASN B 71 10.61 -7.02 2.58
C ASN B 71 9.24 -6.72 2.00
N ILE B 72 8.27 -7.59 2.21
CA ILE B 72 6.97 -7.39 1.59
C ILE B 72 6.20 -6.42 2.50
N LEU B 73 5.73 -5.32 1.95
CA LEU B 73 5.05 -4.27 2.72
C LEU B 73 3.53 -4.32 2.64
N LYS B 74 2.98 -4.76 1.50
CA LYS B 74 1.55 -4.80 1.27
C LYS B 74 1.25 -5.75 0.10
N ILE B 75 0.12 -6.44 0.19
CA ILE B 75 -0.38 -7.21 -0.93
C ILE B 75 -1.85 -6.87 -1.08
N GLN B 76 -2.23 -6.36 -2.24
CA GLN B 76 -3.62 -5.99 -2.51
C GLN B 76 -4.23 -6.83 -3.63
N LYS B 77 -5.47 -7.24 -3.43
CA LYS B 77 -6.28 -7.79 -4.50
C LYS B 77 -6.81 -6.67 -5.37
N VAL B 78 -6.64 -6.84 -6.67
CA VAL B 78 -7.05 -5.86 -7.68
C VAL B 78 -8.41 -6.32 -8.24
N CYS B 79 -9.44 -5.49 -8.05
CA CYS B 79 -10.79 -5.91 -8.39
C CYS B 79 -11.39 -4.95 -9.40
N ASN B 80 -11.65 -5.45 -10.60
CA ASN B 80 -12.27 -4.63 -11.63
C ASN B 80 -13.13 -5.55 -12.49
N LYS B 81 -14.43 -5.36 -12.40
CA LYS B 81 -15.43 -6.23 -13.03
C LYS B 81 -15.30 -6.19 -14.55
N LYS B 82 -15.18 -5.00 -15.11
CA LYS B 82 -15.04 -4.88 -16.56
C LYS B 82 -13.76 -5.58 -17.07
N LEU B 83 -12.64 -5.37 -16.40
CA LEU B 83 -11.38 -5.99 -16.81
C LEU B 83 -11.44 -7.51 -16.60
N TRP B 84 -12.08 -7.96 -15.54
CA TRP B 84 -12.19 -9.38 -15.25
C TRP B 84 -12.97 -10.07 -16.35
N GLU B 85 -14.12 -9.49 -16.68
CA GLU B 85 -14.97 -10.03 -17.75
C GLU B 85 -14.29 -10.06 -19.12
N ARG B 86 -13.57 -9.01 -19.47
CA ARG B 86 -12.70 -8.97 -20.66
C ARG B 86 -11.70 -10.15 -20.67
N TYR B 87 -11.07 -10.37 -19.52
CA TYR B 87 -10.16 -11.51 -19.36
C TYR B 87 -10.83 -12.88 -19.52
N THR B 88 -11.96 -13.11 -18.83
CA THR B 88 -12.63 -14.42 -18.88
C THR B 88 -13.27 -14.71 -20.23
N HIS B 89 -13.59 -13.66 -20.98
CA HIS B 89 -14.10 -13.82 -22.34
C HIS B 89 -13.00 -14.29 -23.25
N ARG B 90 -11.83 -13.68 -23.15
CA ARG B 90 -10.70 -14.13 -23.94
C ARG B 90 -10.25 -15.53 -23.49
N ARG B 91 -10.25 -15.79 -22.19
CA ARG B 91 -9.85 -17.11 -21.70
C ARG B 91 -10.74 -18.21 -22.31
N LYS B 92 -12.05 -17.94 -22.40
CA LYS B 92 -13.00 -18.91 -22.96
C LYS B 92 -12.71 -19.17 -24.45
N GLU B 93 -12.49 -18.11 -25.23
CA GLU B 93 -12.08 -18.25 -26.65
C GLU B 93 -10.81 -19.08 -26.81
N VAL B 94 -9.76 -18.73 -26.04
CA VAL B 94 -8.48 -19.47 -26.11
C VAL B 94 -8.67 -20.94 -25.70
N SER B 95 -9.38 -21.15 -24.61
CA SER B 95 -9.65 -22.48 -24.09
C SER B 95 -10.32 -23.40 -25.15
N GLU B 96 -11.36 -22.88 -25.79
CA GLU B 96 -12.07 -23.56 -26.87
C GLU B 96 -11.16 -23.87 -28.05
N GLU B 97 -10.43 -22.86 -28.53
CA GLU B 97 -9.45 -23.04 -29.57
C GLU B 97 -8.36 -24.07 -29.24
N ASN B 98 -8.02 -24.22 -27.96
CA ASN B 98 -7.00 -25.17 -27.50
C ASN B 98 -7.64 -26.42 -26.87
N HIS B 99 -8.81 -26.83 -27.37
CA HIS B 99 -9.42 -28.11 -26.98
C HIS B 99 -9.69 -28.23 -25.51
N ASN B 100 -10.35 -27.17 -25.03
CA ASN B 100 -10.81 -27.01 -23.65
CA ASN B 100 -10.81 -27.05 -23.65
C ASN B 100 -9.67 -27.01 -22.63
N HIS B 101 -8.65 -26.19 -22.90
CA HIS B 101 -7.49 -26.01 -22.01
C HIS B 101 -6.96 -24.60 -22.08
N ALA B 102 -7.33 -23.79 -21.09
CA ALA B 102 -6.82 -22.40 -21.01
C ALA B 102 -5.29 -22.33 -20.80
N ASN B 103 -4.71 -23.34 -20.15
CA ASN B 103 -3.29 -23.33 -19.81
C ASN B 103 -3.00 -22.02 -19.02
N GLU B 104 -3.76 -21.81 -17.95
CA GLU B 104 -3.67 -20.59 -17.17
C GLU B 104 -2.64 -20.71 -16.05
N ARG B 105 -1.83 -19.67 -15.88
CA ARG B 105 -0.74 -19.64 -14.91
C ARG B 105 -0.85 -18.36 -14.04
N MET B 106 -0.21 -18.39 -12.89
CA MET B 106 0.08 -17.16 -12.14
C MET B 106 1.53 -16.79 -12.35
N LEU B 107 1.77 -15.56 -12.84
CA LEU B 107 3.10 -15.11 -13.20
C LEU B 107 3.37 -13.67 -12.80
N PHE B 108 4.64 -13.33 -12.58
CA PHE B 108 5.02 -11.95 -12.22
C PHE B 108 5.12 -11.01 -13.43
N HIS B 109 4.82 -9.73 -13.18
CA HIS B 109 5.01 -8.67 -14.15
C HIS B 109 5.48 -7.42 -13.46
N GLY B 110 6.61 -6.90 -13.93
CA GLY B 110 7.15 -5.66 -13.45
C GLY B 110 7.11 -4.66 -14.56
N SER B 111 6.80 -3.40 -14.24
CA SER B 111 6.67 -2.39 -15.28
C SER B 111 6.56 -0.97 -14.74
N PRO B 112 7.11 0.00 -15.45
CA PRO B 112 6.83 1.41 -15.07
C PRO B 112 5.37 1.80 -15.19
N PHE B 113 4.57 1.04 -15.94
CA PHE B 113 3.15 1.37 -16.13
C PHE B 113 2.21 0.66 -15.17
N VAL B 114 2.73 0.09 -14.07
CA VAL B 114 1.90 -0.69 -13.17
CA VAL B 114 1.92 -0.69 -13.13
C VAL B 114 0.64 0.05 -12.72
N ASN B 115 0.75 1.36 -12.47
CA ASN B 115 -0.46 2.10 -12.05
CA ASN B 115 -0.44 2.07 -12.03
C ASN B 115 -1.48 2.19 -13.17
N ALA B 116 -1.04 2.36 -14.41
CA ALA B 116 -1.98 2.32 -15.54
C ALA B 116 -2.59 0.94 -15.76
N ILE B 117 -1.80 -0.13 -15.55
CA ILE B 117 -2.29 -1.47 -15.79
C ILE B 117 -3.44 -1.84 -14.85
N ILE B 118 -3.32 -1.47 -13.59
CA ILE B 118 -4.32 -1.92 -12.62
C ILE B 118 -5.68 -1.21 -12.86
N HIS B 119 -5.64 -0.04 -13.50
CA HIS B 119 -6.87 0.73 -13.78
C HIS B 119 -7.46 0.48 -15.13
N LYS B 120 -6.63 0.31 -16.15
CA LYS B 120 -7.11 0.19 -17.51
C LYS B 120 -6.77 -1.14 -18.15
N GLY B 121 -6.05 -2.01 -17.43
CA GLY B 121 -5.72 -3.33 -17.96
C GLY B 121 -4.47 -3.30 -18.80
N PHE B 122 -4.06 -4.48 -19.27
CA PHE B 122 -2.92 -4.56 -20.18
C PHE B 122 -3.36 -4.19 -21.60
N ASP B 123 -2.51 -3.45 -22.30
CA ASP B 123 -2.65 -3.23 -23.74
C ASP B 123 -1.29 -3.00 -24.41
N GLU B 124 -1.33 -2.80 -25.72
CA GLU B 124 -0.08 -2.68 -26.52
C GLU B 124 0.97 -1.69 -25.99
N ARG B 125 0.57 -0.67 -25.24
CA ARG B 125 1.55 0.21 -24.57
C ARG B 125 2.40 -0.50 -23.48
N HIS B 126 1.88 -1.62 -22.97
CA HIS B 126 2.57 -2.40 -21.92
C HIS B 126 3.47 -3.49 -22.46
N ALA B 127 3.61 -3.50 -23.80
CA ALA B 127 4.45 -4.46 -24.51
C ALA B 127 5.92 -4.05 -24.48
N TYR B 128 6.77 -5.05 -24.62
CA TYR B 128 8.22 -4.86 -24.64
C TYR B 128 8.60 -5.03 -26.09
N ILE B 129 8.71 -3.91 -26.79
CA ILE B 129 8.87 -3.95 -28.23
C ILE B 129 10.14 -4.72 -28.59
N GLY B 130 11.24 -4.49 -27.89
CA GLY B 130 12.49 -5.16 -28.21
C GLY B 130 12.75 -6.47 -27.50
N GLY B 131 11.69 -7.13 -27.01
CA GLY B 131 11.84 -8.38 -26.30
C GLY B 131 12.36 -9.46 -27.23
N MET B 132 13.09 -10.41 -26.68
CA MET B 132 13.69 -11.50 -27.49
C MET B 132 12.70 -12.44 -28.18
N PHE B 133 11.43 -12.47 -27.75
CA PHE B 133 10.40 -13.20 -28.48
C PHE B 133 9.38 -12.32 -29.17
N GLY B 134 9.81 -11.12 -29.55
CA GLY B 134 8.96 -10.22 -30.29
C GLY B 134 8.18 -9.29 -29.41
N ALA B 135 7.54 -8.32 -30.06
CA ALA B 135 6.81 -7.26 -29.38
C ALA B 135 5.56 -7.88 -28.76
N GLY B 136 5.63 -8.16 -27.46
CA GLY B 136 4.48 -8.69 -26.74
C GLY B 136 4.60 -8.30 -25.29
N ILE B 137 3.71 -8.81 -24.46
CA ILE B 137 3.71 -8.48 -23.04
C ILE B 137 4.31 -9.68 -22.30
N TYR B 138 5.39 -9.41 -21.56
CA TYR B 138 6.23 -10.42 -20.95
C TYR B 138 5.94 -10.65 -19.45
N PHE B 139 5.99 -11.91 -19.03
CA PHE B 139 5.78 -12.34 -17.67
C PHE B 139 6.89 -13.32 -17.25
N ALA B 140 7.17 -13.36 -15.95
CA ALA B 140 8.22 -14.20 -15.39
C ALA B 140 7.75 -15.14 -14.28
N GLU B 141 8.32 -16.34 -14.25
CA GLU B 141 8.20 -17.22 -13.10
C GLU B 141 9.09 -16.74 -11.96
N ASN B 142 10.24 -16.14 -12.28
CA ASN B 142 11.12 -15.58 -11.28
C ASN B 142 10.64 -14.15 -10.94
N SER B 143 10.23 -13.92 -9.70
CA SER B 143 9.90 -12.58 -9.23
C SER B 143 11.07 -11.62 -9.50
N SER B 144 12.30 -12.10 -9.31
CA SER B 144 13.46 -11.23 -9.41
C SER B 144 13.68 -10.80 -10.86
N LYS B 145 13.20 -11.58 -11.83
CA LYS B 145 13.29 -11.18 -13.26
C LYS B 145 12.35 -9.99 -13.53
N SER B 146 11.10 -10.08 -13.06
CA SER B 146 10.17 -8.96 -13.18
C SER B 146 10.64 -7.73 -12.39
N ASN B 147 11.34 -7.95 -11.28
CA ASN B 147 11.94 -6.83 -10.50
C ASN B 147 12.90 -6.00 -11.34
N GLN B 148 13.59 -6.63 -12.27
CA GLN B 148 14.47 -5.89 -13.21
C GLN B 148 13.79 -4.81 -14.08
N TYR B 149 12.45 -4.82 -14.16
CA TYR B 149 11.71 -3.90 -15.05
C TYR B 149 10.84 -2.88 -14.32
N VAL B 150 10.86 -2.93 -12.98
CA VAL B 150 10.08 -2.00 -12.16
C VAL B 150 10.40 -0.53 -12.51
N TYR B 151 11.67 -0.24 -12.73
CA TYR B 151 12.10 1.09 -13.09
C TYR B 151 12.37 1.29 -14.59
N GLY B 152 11.85 0.38 -15.40
CA GLY B 152 12.04 0.46 -16.85
C GLY B 152 12.94 -0.65 -17.37
N ILE B 153 13.09 -0.74 -18.68
CA ILE B 153 13.98 -1.72 -19.31
C ILE B 153 15.40 -1.56 -18.80
N GLY B 154 16.03 -2.65 -18.39
CA GLY B 154 17.39 -2.60 -17.83
C GLY B 154 17.48 -1.91 -16.48
N GLY B 155 16.32 -1.74 -15.83
CA GLY B 155 16.19 -0.96 -14.60
C GLY B 155 16.20 0.56 -14.79
N GLY B 156 16.14 1.03 -16.03
CA GLY B 156 16.26 2.46 -16.34
C GLY B 156 17.37 3.13 -15.57
N THR B 157 17.07 4.24 -14.90
CA THR B 157 18.04 4.95 -14.07
C THR B 157 17.77 4.68 -12.56
N GLY B 158 16.99 3.64 -12.27
CA GLY B 158 16.73 3.25 -10.89
C GLY B 158 15.63 4.10 -10.27
N CYS B 159 15.57 4.14 -8.94
CA CYS B 159 14.44 4.81 -8.30
C CYS B 159 14.42 6.32 -8.64
N PRO B 160 13.23 6.95 -8.64
CA PRO B 160 13.15 8.39 -8.91
C PRO B 160 13.92 9.24 -7.91
N VAL B 161 13.86 8.88 -6.62
CA VAL B 161 14.45 9.71 -5.54
C VAL B 161 15.98 9.63 -5.49
N HIS B 162 16.54 8.44 -5.64
CA HIS B 162 17.98 8.26 -5.48
C HIS B 162 18.70 7.91 -6.76
N LYS B 163 17.97 7.65 -7.84
CA LYS B 163 18.58 7.16 -9.09
C LYS B 163 19.46 5.94 -8.82
N ASP B 164 18.93 4.98 -8.06
CA ASP B 164 19.68 3.84 -7.61
C ASP B 164 18.90 2.57 -7.98
N ARG B 165 19.42 1.79 -8.95
CA ARG B 165 18.73 0.57 -9.37
C ARG B 165 18.73 -0.46 -8.23
N SER B 166 19.64 -0.30 -7.26
CA SER B 166 19.67 -1.18 -6.10
C SER B 166 19.15 -0.49 -4.83
N CYS B 167 18.26 0.49 -4.98
CA CYS B 167 17.80 1.25 -3.81
C CYS B 167 17.12 0.31 -2.82
N TYR B 168 17.53 0.38 -1.56
CA TYR B 168 16.93 -0.42 -0.47
C TYR B 168 15.89 0.37 0.38
N ILE B 169 15.65 1.62 0.01
CA ILE B 169 14.79 2.53 0.78
C ILE B 169 13.43 2.63 0.10
N CYS B 170 13.45 2.92 -1.19
CA CYS B 170 12.22 3.24 -1.91
C CYS B 170 11.35 2.01 -2.15
N HIS B 171 10.04 2.20 -2.03
CA HIS B 171 9.05 1.15 -2.22
C HIS B 171 8.83 0.82 -3.67
N ARG B 172 8.86 -0.48 -4.02
CA ARG B 172 8.59 -0.97 -5.37
C ARG B 172 7.25 -1.68 -5.41
N GLN B 173 6.70 -1.82 -6.60
CA GLN B 173 5.49 -2.58 -6.85
C GLN B 173 5.68 -3.55 -8.03
N LEU B 174 5.18 -4.79 -7.87
CA LEU B 174 5.09 -5.81 -8.93
C LEU B 174 3.68 -6.30 -8.95
N LEU B 175 3.29 -6.93 -10.06
CA LEU B 175 2.00 -7.59 -10.18
C LEU B 175 2.21 -9.07 -10.21
N PHE B 176 1.26 -9.78 -9.62
CA PHE B 176 1.20 -11.23 -9.75
C PHE B 176 -0.12 -11.47 -10.44
N CYS B 177 -0.02 -11.98 -11.66
CA CYS B 177 -1.11 -11.96 -12.64
C CYS B 177 -1.55 -13.34 -13.07
N ARG B 178 -2.84 -13.44 -13.37
CA ARG B 178 -3.41 -14.59 -14.01
C ARG B 178 -3.21 -14.43 -15.53
N VAL B 179 -2.61 -15.43 -16.16
CA VAL B 179 -2.18 -15.35 -17.57
C VAL B 179 -2.65 -16.58 -18.33
N THR B 180 -3.36 -16.37 -19.43
CA THR B 180 -3.87 -17.46 -20.25
C THR B 180 -2.86 -17.71 -21.36
N LEU B 181 -2.24 -18.89 -21.31
CA LEU B 181 -1.19 -19.21 -22.31
C LEU B 181 -1.70 -19.95 -23.55
N GLY B 182 -2.82 -20.65 -23.42
CA GLY B 182 -3.36 -21.52 -24.46
C GLY B 182 -2.28 -22.47 -24.98
N LYS B 183 -2.24 -22.64 -26.30
CA LYS B 183 -1.17 -23.41 -26.93
C LYS B 183 0.06 -22.55 -26.97
N SER B 184 1.07 -22.90 -26.19
CA SER B 184 2.27 -22.09 -26.09
C SER B 184 3.43 -22.62 -26.93
N PHE B 185 4.04 -21.74 -27.70
CA PHE B 185 5.13 -22.11 -28.57
C PHE B 185 6.40 -22.14 -27.73
N LEU B 186 7.04 -23.30 -27.66
CA LEU B 186 8.24 -23.41 -26.87
C LEU B 186 9.48 -22.92 -27.62
N GLN B 187 10.12 -21.91 -27.07
CA GLN B 187 11.32 -21.35 -27.63
C GLN B 187 12.40 -21.49 -26.58
N PHE B 188 13.41 -22.30 -26.87
CA PHE B 188 14.57 -22.39 -26.02
C PHE B 188 15.41 -21.16 -26.29
N SER B 189 16.04 -20.64 -25.25
CA SER B 189 16.70 -19.37 -25.35
C SER B 189 18.06 -19.51 -24.70
N ALA B 190 19.06 -18.89 -25.33
CA ALA B 190 20.45 -19.06 -24.95
C ALA B 190 20.80 -18.44 -23.59
N MET B 191 19.82 -17.83 -22.92
CA MET B 191 20.06 -17.21 -21.63
C MET B 191 20.16 -18.27 -20.51
N LYS B 192 20.71 -18.01 -19.43
N MET B 193 2.17 -4.30 -31.33
CA MET B 193 2.21 -5.72 -30.84
C MET B 193 2.30 -6.73 -32.00
N ALA B 194 3.25 -7.66 -31.90
CA ALA B 194 3.37 -8.76 -32.86
C ALA B 194 2.21 -9.72 -32.69
N HIS B 195 2.12 -10.71 -33.58
CA HIS B 195 1.09 -11.74 -33.50
C HIS B 195 1.71 -12.97 -32.94
N SER B 196 0.91 -13.81 -32.30
CA SER B 196 1.40 -15.10 -31.84
C SER B 196 1.88 -15.90 -33.04
N PRO B 197 2.75 -16.89 -32.79
CA PRO B 197 3.06 -17.84 -33.84
C PRO B 197 1.79 -18.51 -34.34
N PRO B 198 1.71 -18.79 -35.67
CA PRO B 198 0.49 -19.40 -36.19
C PRO B 198 0.05 -20.64 -35.41
N GLY B 199 -1.23 -20.65 -35.03
CA GLY B 199 -1.81 -21.75 -34.27
C GLY B 199 -1.42 -21.75 -32.80
N HIS B 200 -0.81 -20.66 -32.34
CA HIS B 200 -0.39 -20.55 -30.92
C HIS B 200 -0.92 -19.31 -30.28
N HIS B 201 -1.01 -19.30 -28.96
CA HIS B 201 -1.58 -18.18 -28.19
C HIS B 201 -0.57 -17.45 -27.32
N SER B 202 0.64 -17.97 -27.28
CA SER B 202 1.67 -17.39 -26.46
C SER B 202 2.98 -18.05 -26.83
N VAL B 203 4.07 -17.50 -26.29
CA VAL B 203 5.38 -18.11 -26.41
C VAL B 203 5.95 -18.35 -25.03
N THR B 204 6.53 -19.54 -24.85
CA THR B 204 7.27 -19.91 -23.65
C THR B 204 8.78 -19.78 -23.94
N GLY B 205 9.41 -18.80 -23.33
CA GLY B 205 10.86 -18.65 -23.39
C GLY B 205 11.53 -19.43 -22.30
N ARG B 206 12.23 -20.50 -22.65
CA ARG B 206 12.82 -21.35 -21.65
C ARG B 206 14.35 -21.27 -21.64
N PRO B 207 14.93 -20.70 -20.58
CA PRO B 207 16.38 -20.62 -20.55
C PRO B 207 17.05 -21.99 -20.68
N SER B 208 18.03 -22.09 -21.57
CA SER B 208 18.69 -23.37 -21.83
C SER B 208 20.12 -23.45 -21.26
N VAL B 209 20.68 -22.32 -20.83
CA VAL B 209 22.03 -22.32 -20.26
C VAL B 209 22.01 -22.24 -18.73
N ASN B 210 21.33 -21.23 -18.18
CA ASN B 210 21.23 -21.12 -16.74
C ASN B 210 20.15 -22.07 -16.22
N GLY B 211 20.59 -23.20 -15.65
CA GLY B 211 19.64 -24.23 -15.23
C GLY B 211 18.80 -23.83 -14.02
N LEU B 212 19.19 -22.74 -13.35
CA LEU B 212 18.40 -22.23 -12.23
C LEU B 212 17.41 -21.14 -12.65
N ALA B 213 17.55 -20.65 -13.87
CA ALA B 213 16.62 -19.64 -14.41
C ALA B 213 15.28 -20.26 -14.79
N LEU B 214 14.18 -19.67 -14.32
CA LEU B 214 12.82 -20.17 -14.69
C LEU B 214 12.32 -19.57 -16.01
N ALA B 215 11.17 -20.03 -16.48
CA ALA B 215 10.67 -19.63 -17.80
C ALA B 215 10.13 -18.20 -17.76
N GLU B 216 10.08 -17.63 -18.95
CA GLU B 216 9.45 -16.35 -19.22
C GLU B 216 8.40 -16.60 -20.31
N TYR B 217 7.37 -15.77 -20.35
CA TYR B 217 6.22 -16.04 -21.20
C TYR B 217 5.79 -14.74 -21.83
N VAL B 218 5.36 -14.83 -23.09
CA VAL B 218 4.92 -13.69 -23.88
C VAL B 218 3.53 -13.94 -24.42
N ILE B 219 2.67 -12.95 -24.22
CA ILE B 219 1.35 -12.92 -24.81
C ILE B 219 1.23 -11.71 -25.73
N TYR B 220 0.33 -11.79 -26.70
CA TYR B 220 0.25 -10.77 -27.73
C TYR B 220 -1.11 -10.10 -27.77
N ARG B 221 -1.93 -10.35 -26.77
CA ARG B 221 -3.24 -9.72 -26.60
C ARG B 221 -3.33 -9.38 -25.12
N GLY B 222 -3.58 -8.13 -24.80
CA GLY B 222 -3.73 -7.69 -23.42
C GLY B 222 -4.86 -8.32 -22.65
N GLU B 223 -5.89 -8.81 -23.34
CA GLU B 223 -6.99 -9.45 -22.67
C GLU B 223 -6.60 -10.83 -22.14
N GLN B 224 -5.41 -11.35 -22.46
CA GLN B 224 -4.96 -12.65 -21.95
C GLN B 224 -4.24 -12.62 -20.61
N ALA B 225 -4.27 -11.47 -19.92
CA ALA B 225 -3.74 -11.39 -18.56
C ALA B 225 -4.64 -10.52 -17.69
N TYR B 226 -4.72 -10.86 -16.41
CA TYR B 226 -5.45 -10.07 -15.43
C TYR B 226 -4.49 -9.79 -14.25
N PRO B 227 -4.33 -8.51 -13.88
CA PRO B 227 -3.43 -8.13 -12.79
C PRO B 227 -4.03 -8.40 -11.41
N GLU B 228 -4.01 -9.64 -10.96
CA GLU B 228 -4.78 -10.03 -9.79
C GLU B 228 -4.27 -9.49 -8.45
N TYR B 229 -2.95 -9.43 -8.24
CA TYR B 229 -2.37 -8.94 -7.00
C TYR B 229 -1.37 -7.83 -7.25
N LEU B 230 -1.46 -6.79 -6.44
CA LEU B 230 -0.49 -5.69 -6.46
C LEU B 230 0.36 -5.80 -5.21
N ILE B 231 1.66 -5.99 -5.39
CA ILE B 231 2.58 -6.28 -4.29
C ILE B 231 3.52 -5.09 -4.11
N THR B 232 3.54 -4.52 -2.90
CA THR B 232 4.43 -3.41 -2.55
C THR B 232 5.53 -3.91 -1.65
N TYR B 233 6.79 -3.60 -1.98
CA TYR B 233 7.93 -4.26 -1.38
C TYR B 233 9.21 -3.45 -1.43
N GLN B 234 10.18 -3.85 -0.62
CA GLN B 234 11.56 -3.37 -0.79
C GLN B 234 12.44 -4.56 -1.09
N ILE B 235 13.49 -4.36 -1.88
CA ILE B 235 14.58 -5.38 -1.90
C ILE B 235 15.40 -5.17 -0.63
N MET B 236 15.94 -6.25 -0.07
CA MET B 236 16.72 -6.19 1.16
C MET B 236 18.24 -6.36 0.88
N ARG B 237 19.04 -5.54 1.54
CA ARG B 237 20.50 -5.62 1.40
C ARG B 237 21.00 -6.89 2.07
N PRO B 238 21.77 -7.75 1.35
CA PRO B 238 22.27 -8.96 2.00
C PRO B 238 23.18 -8.64 3.19
N GLU B 239 23.17 -9.47 4.22
CA GLU B 239 24.03 -9.25 5.40
C GLU B 239 25.46 -9.58 5.08
ZN ZN C . -23.43 -0.59 13.57
S SO4 D . -5.88 4.58 0.35
O1 SO4 D . -4.66 5.39 0.39
O2 SO4 D . -6.47 4.44 1.66
O3 SO4 D . -5.47 3.27 -0.12
O4 SO4 D . -6.78 5.27 -0.60
S SO4 E . -23.40 13.56 0.40
O1 SO4 E . -22.96 14.97 0.37
O2 SO4 E . -24.80 13.38 -0.08
O3 SO4 E . -23.31 13.10 1.81
O4 SO4 E . -22.55 12.78 -0.51
OAB 31F F . -2.93 -2.54 15.71
OAD 31F F . -4.98 -1.90 16.51
CAE 31F F . -3.70 -0.12 15.28
CAF 31F F . -3.32 -0.23 13.94
CAG 31F F . -3.33 0.86 13.07
CAJ 31F F . -4.14 1.12 15.71
CAI 31F F . -4.17 2.23 14.84
CAH 31F F . -3.82 2.10 13.48
CAK 31F F . -3.79 3.29 12.57
CAT 31F F . -2.92 4.24 10.59
CAS 31F F . -2.17 4.14 9.42
CAR 31F F . -2.00 5.24 8.57
CAQ 31F F . -2.64 6.46 8.87
CAP 31F F . -3.40 6.59 10.03
CAO 31F F . -3.55 5.52 10.90
CAM 31F F . -4.39 5.54 12.15
N10 31F F . -2.95 -0.95 17.64
N1 31F F . -4.43 4.44 12.91
OAN 31F F . -5.03 6.56 12.51
N 31F F . -3.04 3.20 11.44
S 31F F . -3.66 -1.44 16.28
C1 GOL G . 1.79 11.76 -6.13
O1 GOL G . 0.60 11.66 -5.30
C2 GOL G . 1.77 13.00 -7.03
O2 GOL G . 2.99 13.09 -7.81
C3 GOL G . 0.56 12.96 -7.97
O3 GOL G . 0.30 11.60 -8.30
C1 PEG H . -3.76 19.28 29.34
O1 PEG H . -4.45 19.53 30.58
C2 PEG H . -4.57 19.71 28.13
O2 PEG H . -4.09 20.95 27.63
C3 PEG H . -4.00 21.05 26.21
C4 PEG H . -3.22 22.32 25.88
O4 PEG H . -3.13 22.49 24.46
ZN ZN I . 15.47 5.23 -3.74
S SO4 J . 19.46 -12.95 -16.39
O1 SO4 J . 18.55 -11.92 -15.89
O2 SO4 J . 18.58 -13.94 -17.02
O3 SO4 J . 20.21 -13.70 -15.35
O4 SO4 J . 20.35 -12.46 -17.45
S SO4 K . 20.42 -12.13 3.34
O1 SO4 K . 21.21 -11.65 4.49
O2 SO4 K . 19.69 -13.36 3.66
O3 SO4 K . 21.36 -12.37 2.24
O4 SO4 K . 19.44 -11.09 2.89
OAB 31F L . 8.36 -0.20 -20.33
OAD 31F L . 8.44 -1.16 -22.47
CAE 31F L . 8.17 -2.71 -20.49
CAF 31F L . 9.23 -3.50 -20.92
CAG 31F L . 9.48 -4.76 -20.35
CAJ 31F L . 7.37 -3.16 -19.45
CAI 31F L . 7.59 -4.42 -18.88
CAH 31F L . 8.70 -5.21 -19.29
CAK 31F L . 8.90 -6.54 -18.71
CAT 31F L . 9.90 -8.66 -18.99
CAS 31F L . 10.72 -9.54 -19.72
CAR 31F L . 10.91 -10.85 -19.26
CAQ 31F L . 10.30 -11.33 -18.10
CAP 31F L . 9.47 -10.48 -17.35
CAO 31F L . 9.26 -9.15 -17.79
CAM 31F L . 8.44 -8.15 -17.04
N10 31F L . 6.30 -1.05 -21.39
N1 31F L . 8.27 -6.92 -17.57
OAN 31F L . 7.88 -8.48 -15.97
N 31F L . 9.68 -7.40 -19.40
S 31F L . 7.87 -1.25 -21.15
C1 GOL M . 22.73 -10.72 -6.27
O1 GOL M . 21.39 -10.21 -6.14
C2 GOL M . 23.32 -10.54 -7.65
O2 GOL M . 24.66 -11.08 -7.70
C3 GOL M . 22.53 -11.29 -8.72
O3 GOL M . 21.25 -10.70 -9.00
C1 PEG N . -11.86 -9.29 -9.44
O1 PEG N . -13.02 -8.74 -10.06
C2 PEG N . -11.61 -10.74 -9.85
O2 PEG N . -10.46 -11.25 -9.18
C3 PEG N . -10.10 -12.59 -9.55
C4 PEG N . -10.90 -13.64 -8.77
O4 PEG N . -10.18 -14.88 -8.73
#